data_3CKW
#
_entry.id   3CKW
#
_cell.length_a   47.430
_cell.length_b   56.368
_cell.length_c   61.550
_cell.angle_alpha   90.000
_cell.angle_beta   112.690
_cell.angle_gamma   90.000
#
_symmetry.space_group_name_H-M   'P 1 21 1'
#
loop_
_entity.id
_entity.type
_entity.pdbx_description
1 polymer 'Serine/threonine-protein kinase 24'
2 non-polymer 'MERCURY (II) ION'
3 water water
#
_entity_poly.entity_id   1
_entity_poly.type   'polypeptide(L)'
_entity_poly.pdbx_seq_one_letter_code
;MSLDPEELFTKLEKIGKGSFGEVFKGIDNRTQKVVAIKIIDLEEAEDEIEDIQQEITVLSQCDSPYVTKYYGSYLKDTKL
WIIMEYLGGGSALDLLEPGPLDETQIATILREILKGLDYLHSEKKIHRDIKAANVLLSEHGEVKLADFGVAGQLTDTQIK
RNTFVGTPFWMAPEVIKQSAYDSKADIWSLGITAIELARGEPPHSELHPMKVLFLIPKNNPPTLEGNYSKPLKEFVEACL
NKEPSFRPTAKELLKHKFILRNAKKTSYLTELIDRYKRWKAEQSHDDSSSEDSDAEEGHHHHHH
;
_entity_poly.pdbx_strand_id   A
#
# COMPACT_ATOMS: atom_id res chain seq x y z
N PRO A 5 5.59 -30.43 12.83
CA PRO A 5 6.36 -29.52 11.99
C PRO A 5 5.93 -28.07 12.23
N GLU A 6 5.17 -27.50 11.29
CA GLU A 6 4.42 -26.27 11.54
C GLU A 6 3.03 -26.65 12.04
N GLU A 7 2.99 -27.10 13.29
CA GLU A 7 1.75 -27.21 14.07
C GLU A 7 1.85 -26.20 15.23
N LEU A 8 2.72 -25.21 15.04
CA LEU A 8 2.73 -23.98 15.84
C LEU A 8 1.55 -23.08 15.43
N PHE A 9 0.93 -23.42 14.30
CA PHE A 9 -0.18 -22.67 13.72
C PHE A 9 -1.28 -23.63 13.23
N THR A 10 -2.52 -23.15 13.26
CA THR A 10 -3.64 -23.89 12.68
C THR A 10 -4.12 -23.14 11.44
N LYS A 11 -3.95 -23.75 10.27
CA LYS A 11 -4.40 -23.16 9.02
C LYS A 11 -5.92 -23.12 8.99
N LEU A 12 -6.46 -21.92 8.77
CA LEU A 12 -7.90 -21.73 8.55
C LEU A 12 -8.12 -21.54 7.04
N GLU A 13 -9.19 -20.83 6.67
CA GLU A 13 -9.56 -20.68 5.27
C GLU A 13 -8.54 -19.90 4.43
N LYS A 14 -8.47 -20.24 3.14
CA LYS A 14 -7.65 -19.51 2.18
C LYS A 14 -8.32 -18.17 1.90
N ILE A 15 -7.53 -17.09 2.00
CA ILE A 15 -8.06 -15.72 2.04
C ILE A 15 -7.60 -14.80 0.90
N GLY A 21 1.91 -19.72 -4.48
CA GLY A 21 1.54 -18.82 -3.39
C GLY A 21 0.06 -18.83 -3.08
N GLU A 22 -0.29 -19.42 -1.93
CA GLU A 22 -1.64 -19.34 -1.36
C GLU A 22 -1.58 -18.76 0.05
N VAL A 23 -2.45 -17.79 0.33
CA VAL A 23 -2.51 -17.16 1.65
C VAL A 23 -3.69 -17.73 2.46
N PHE A 24 -3.45 -18.01 3.73
CA PHE A 24 -4.46 -18.54 4.64
C PHE A 24 -4.57 -17.70 5.89
N LYS A 25 -5.77 -17.65 6.46
CA LYS A 25 -5.91 -17.17 7.82
C LYS A 25 -5.45 -18.30 8.70
N GLY A 26 -4.72 -17.99 9.75
CA GLY A 26 -4.21 -19.01 10.64
C GLY A 26 -4.29 -18.51 12.04
N ILE A 27 -4.01 -19.38 12.99
CA ILE A 27 -4.02 -18.99 14.39
C ILE A 27 -2.74 -19.49 15.08
N ASP A 28 -2.07 -18.56 15.77
CA ASP A 28 -0.90 -18.87 16.56
C ASP A 28 -1.36 -19.64 17.80
N ASN A 29 -0.96 -20.92 17.87
CA ASN A 29 -1.41 -21.84 18.92
C ASN A 29 -0.94 -21.49 20.34
N ARG A 30 0.14 -20.72 20.42
CA ARG A 30 0.69 -20.27 21.71
C ARG A 30 -0.13 -19.14 22.35
N THR A 31 -0.69 -18.24 21.53
CA THR A 31 -1.36 -17.02 22.00
C THR A 31 -2.83 -16.90 21.58
N GLN A 32 -3.21 -17.65 20.56
CA GLN A 32 -4.56 -17.56 19.96
C GLN A 32 -4.78 -16.31 19.10
N LYS A 33 -3.69 -15.62 18.75
CA LYS A 33 -3.77 -14.50 17.81
C LYS A 33 -3.85 -15.00 16.37
N VAL A 34 -4.61 -14.28 15.57
CA VAL A 34 -4.75 -14.57 14.16
C VAL A 34 -3.49 -14.10 13.40
N VAL A 35 -3.06 -14.89 12.44
CA VAL A 35 -1.94 -14.55 11.56
C VAL A 35 -2.36 -14.81 10.10
N ALA A 36 -1.62 -14.22 9.16
CA ALA A 36 -1.76 -14.57 7.76
C ALA A 36 -0.59 -15.49 7.42
N ILE A 37 -0.89 -16.61 6.75
CA ILE A 37 0.11 -17.61 6.39
C ILE A 37 0.17 -17.71 4.89
N LYS A 38 1.27 -17.23 4.32
CA LYS A 38 1.55 -17.42 2.89
C LYS A 38 2.37 -18.71 2.71
N ILE A 39 1.88 -19.62 1.87
CA ILE A 39 2.57 -20.88 1.61
C ILE A 39 2.97 -20.95 0.15
N ILE A 40 4.28 -21.00 -0.07
CA ILE A 40 4.86 -21.01 -1.39
C ILE A 40 5.53 -22.37 -1.64
N ASP A 41 5.17 -22.99 -2.76
CA ASP A 41 5.84 -24.21 -3.22
C ASP A 41 7.17 -23.84 -3.87
N LEU A 42 8.27 -24.20 -3.21
CA LEU A 42 9.61 -23.84 -3.67
C LEU A 42 10.09 -24.68 -4.86
N GLU A 43 9.43 -25.82 -5.11
CA GLU A 43 9.75 -26.71 -6.23
C GLU A 43 9.74 -25.98 -7.57
N GLU A 48 11.31 -18.51 -9.83
CA GLU A 48 12.59 -18.18 -9.19
C GLU A 48 12.42 -17.84 -7.71
N ILE A 49 13.27 -18.47 -6.88
CA ILE A 49 13.26 -18.33 -5.42
C ILE A 49 13.97 -17.06 -4.90
N GLU A 50 14.86 -16.49 -5.72
CA GLU A 50 15.65 -15.31 -5.31
C GLU A 50 14.78 -14.09 -4.96
N ASP A 51 13.65 -13.95 -5.64
CA ASP A 51 12.70 -12.86 -5.38
C ASP A 51 11.93 -13.04 -4.06
N ILE A 52 11.50 -14.27 -3.78
CA ILE A 52 10.92 -14.61 -2.47
C ILE A 52 11.94 -14.37 -1.35
N GLN A 53 13.17 -14.85 -1.57
CA GLN A 53 14.29 -14.67 -0.65
C GLN A 53 14.47 -13.20 -0.23
N GLN A 54 14.56 -12.33 -1.23
CA GLN A 54 14.70 -10.89 -1.05
C GLN A 54 13.54 -10.29 -0.24
N GLU A 55 12.31 -10.63 -0.59
CA GLU A 55 11.13 -10.11 0.12
C GLU A 55 11.14 -10.40 1.62
N ILE A 56 11.48 -11.64 1.99
CA ILE A 56 11.61 -12.05 3.39
C ILE A 56 12.67 -11.24 4.16
N THR A 57 13.82 -10.99 3.53
CA THR A 57 14.88 -10.25 4.21
C THR A 57 14.47 -8.80 4.53
N VAL A 58 13.76 -8.17 3.59
CA VAL A 58 13.28 -6.79 3.75
C VAL A 58 12.21 -6.69 4.85
N LEU A 59 11.26 -7.63 4.85
CA LEU A 59 10.20 -7.62 5.86
C LEU A 59 10.69 -7.75 7.31
N SER A 60 11.72 -8.57 7.53
N SER A 60 11.67 -8.64 7.50
CA SER A 60 12.20 -8.87 8.89
CA SER A 60 12.30 -8.89 8.79
C SER A 60 12.72 -7.65 9.67
C SER A 60 13.17 -7.72 9.21
N GLN A 61 13.35 -6.72 8.97
N GLN A 61 13.60 -6.93 8.23
CA GLN A 61 14.07 -5.61 9.61
CA GLN A 61 14.36 -5.70 8.47
C GLN A 61 13.19 -4.43 10.01
C GLN A 61 13.48 -4.48 8.75
N CYS A 62 11.89 -4.55 9.85
N CYS A 62 12.18 -4.59 8.44
CA CYS A 62 10.98 -3.45 10.18
CA CYS A 62 11.19 -3.55 8.74
C CYS A 62 10.13 -3.71 11.42
C CYS A 62 10.60 -3.81 10.13
N ASP A 63 10.18 -2.80 12.38
N ASP A 63 10.40 -2.75 10.91
CA ASP A 63 9.27 -2.83 13.52
CA ASP A 63 9.69 -2.82 12.19
C ASP A 63 8.42 -1.57 13.48
C ASP A 63 8.91 -1.54 12.50
N SER A 64 7.59 -1.49 12.45
N SER A 64 7.64 -1.51 12.10
CA SER A 64 6.76 -0.32 12.24
CA SER A 64 6.79 -0.34 12.27
C SER A 64 5.30 -0.71 12.30
C SER A 64 5.31 -0.74 12.33
N PRO A 65 4.51 0.00 13.11
CA PRO A 65 3.06 -0.20 13.12
C PRO A 65 2.36 0.21 11.80
N TYR A 66 3.10 0.81 10.88
CA TYR A 66 2.55 1.27 9.61
C TYR A 66 2.94 0.34 8.50
N VAL A 67 3.70 -0.69 8.87
CA VAL A 67 4.19 -1.67 7.92
C VAL A 67 3.76 -3.08 8.42
N THR A 68 3.23 -3.90 7.51
CA THR A 68 2.79 -5.26 7.89
C THR A 68 3.93 -6.03 8.57
N LYS A 69 3.66 -6.55 9.76
CA LYS A 69 4.67 -7.31 10.52
C LYS A 69 4.94 -8.66 9.89
N TYR A 70 6.21 -9.09 9.95
CA TYR A 70 6.67 -10.42 9.56
C TYR A 70 7.01 -11.16 10.85
N TYR A 71 6.47 -12.36 10.99
CA TYR A 71 6.64 -13.13 12.23
C TYR A 71 7.65 -14.29 12.11
N GLY A 72 8.01 -14.65 10.90
CA GLY A 72 8.98 -15.73 10.68
C GLY A 72 8.65 -16.56 9.46
N SER A 73 9.64 -17.32 9.01
CA SER A 73 9.48 -18.28 7.92
C SER A 73 9.76 -19.70 8.41
N TYR A 74 9.13 -20.68 7.77
CA TYR A 74 9.34 -22.09 8.12
C TYR A 74 9.38 -22.89 6.84
N LEU A 75 10.16 -23.96 6.85
CA LEU A 75 10.18 -24.91 5.73
C LEU A 75 9.50 -26.20 6.21
N LYS A 76 8.50 -26.64 5.46
CA LYS A 76 7.91 -27.97 5.65
C LYS A 76 7.92 -28.70 4.32
N ASP A 77 8.65 -29.82 4.26
CA ASP A 77 8.84 -30.53 3.01
C ASP A 77 9.42 -29.52 2.00
N THR A 78 8.66 -29.24 0.94
CA THR A 78 9.03 -28.32 -0.14
C THR A 78 8.30 -26.96 -0.02
N LYS A 79 7.56 -26.80 1.07
CA LYS A 79 6.72 -25.61 1.25
C LYS A 79 7.32 -24.65 2.26
N LEU A 80 7.47 -23.40 1.85
CA LEU A 80 7.81 -22.31 2.76
C LEU A 80 6.54 -21.69 3.33
N TRP A 81 6.45 -21.68 4.67
CA TRP A 81 5.41 -20.95 5.40
C TRP A 81 5.95 -19.59 5.83
N ILE A 82 5.30 -18.53 5.38
CA ILE A 82 5.68 -17.18 5.81
C ILE A 82 4.55 -16.61 6.69
N ILE A 83 4.89 -16.33 7.94
CA ILE A 83 3.92 -15.85 8.92
C ILE A 83 3.93 -14.33 8.99
N MET A 84 2.79 -13.75 8.59
CA MET A 84 2.60 -12.32 8.43
C MET A 84 1.51 -11.83 9.40
N GLU A 85 1.55 -10.53 9.73
CA GLU A 85 0.44 -9.85 10.37
C GLU A 85 -0.86 -10.06 9.57
N TYR A 86 -1.92 -10.44 10.28
CA TYR A 86 -3.27 -10.54 9.70
C TYR A 86 -3.99 -9.20 9.78
N LEU A 87 -4.54 -8.77 8.65
CA LEU A 87 -5.28 -7.54 8.58
C LEU A 87 -6.59 -7.81 7.84
N GLY A 88 -7.69 -7.80 8.61
CA GLY A 88 -8.98 -8.26 8.10
C GLY A 88 -9.93 -7.20 7.59
N GLY A 89 -9.44 -5.96 7.41
CA GLY A 89 -10.30 -4.86 6.96
C GLY A 89 -10.37 -4.75 5.43
N GLY A 90 -9.50 -5.48 4.75
CA GLY A 90 -9.39 -5.40 3.31
C GLY A 90 -8.34 -4.36 2.94
N SER A 91 -8.05 -4.27 1.64
CA SER A 91 -7.20 -3.23 1.10
C SER A 91 -7.98 -1.95 0.84
N ALA A 92 -7.26 -0.84 0.72
CA ALA A 92 -7.88 0.41 0.32
C ALA A 92 -8.57 0.23 -1.01
N LEU A 93 -8.03 -0.60 -1.90
CA LEU A 93 -8.68 -0.85 -3.19
C LEU A 93 -10.03 -1.59 -3.02
N ASP A 94 -10.05 -2.59 -2.15
CA ASP A 94 -11.31 -3.25 -1.78
C ASP A 94 -12.36 -2.24 -1.32
N LEU A 95 -11.95 -1.31 -0.47
CA LEU A 95 -12.88 -0.34 0.11
C LEU A 95 -13.46 0.71 -0.82
N LEU A 96 -12.81 0.92 -1.97
CA LEU A 96 -13.35 1.75 -3.05
C LEU A 96 -14.45 1.05 -3.85
N GLU A 97 -14.54 -0.26 -3.74
CA GLU A 97 -15.47 -1.04 -4.57
C GLU A 97 -16.95 -0.65 -4.50
N PRO A 98 -17.50 -0.43 -3.28
CA PRO A 98 -18.90 -0.01 -3.13
C PRO A 98 -19.24 1.38 -3.70
N GLY A 99 -18.24 2.27 -3.76
CA GLY A 99 -18.49 3.65 -4.17
C GLY A 99 -17.40 4.62 -3.72
N PRO A 100 -17.59 5.93 -3.96
CA PRO A 100 -16.58 6.93 -3.61
C PRO A 100 -16.31 7.08 -2.11
N LEU A 101 -15.06 7.38 -1.78
CA LEU A 101 -14.66 7.90 -0.47
C LEU A 101 -15.02 9.37 -0.36
N ASP A 102 -15.16 9.87 0.88
CA ASP A 102 -15.19 11.32 1.10
C ASP A 102 -13.76 11.80 1.42
N GLU A 103 -13.56 13.12 1.46
CA GLU A 103 -12.24 13.70 1.70
C GLU A 103 -11.63 13.41 3.06
N THR A 104 -12.45 13.27 4.11
CA THR A 104 -11.95 12.84 5.43
C THR A 104 -11.28 11.47 5.38
N GLN A 105 -11.99 10.50 4.80
CA GLN A 105 -11.47 9.17 4.54
C GLN A 105 -10.21 9.19 3.67
N ILE A 106 -10.22 9.98 2.59
CA ILE A 106 -9.00 10.14 1.74
C ILE A 106 -7.81 10.64 2.55
N ALA A 107 -8.00 11.73 3.28
CA ALA A 107 -6.94 12.33 4.06
C ALA A 107 -6.40 11.40 5.14
N THR A 108 -7.32 10.69 5.82
CA THR A 108 -6.96 9.76 6.89
C THR A 108 -6.10 8.63 6.36
N ILE A 109 -6.52 8.03 5.25
CA ILE A 109 -5.77 6.98 4.60
C ILE A 109 -4.40 7.50 4.13
N LEU A 110 -4.41 8.63 3.42
CA LEU A 110 -3.13 9.28 3.00
C LEU A 110 -2.18 9.57 4.13
N ARG A 111 -2.70 10.12 5.23
CA ARG A 111 -1.91 10.40 6.40
C ARG A 111 -1.21 9.16 6.92
N GLU A 112 -1.94 8.05 7.06
CA GLU A 112 -1.30 6.79 7.54
C GLU A 112 -0.24 6.26 6.56
N ILE A 113 -0.53 6.33 5.27
CA ILE A 113 0.45 5.89 4.25
C ILE A 113 1.71 6.73 4.39
N LEU A 114 1.53 8.01 4.66
CA LEU A 114 2.66 8.94 4.82
C LEU A 114 3.53 8.60 6.03
N LYS A 115 2.89 8.20 7.14
CA LYS A 115 3.61 7.73 8.32
C LYS A 115 4.47 6.49 7.99
N GLY A 116 3.88 5.55 7.26
CA GLY A 116 4.59 4.41 6.70
C GLY A 116 5.73 4.75 5.74
N LEU A 117 5.49 5.67 4.81
CA LEU A 117 6.54 6.17 3.93
C LEU A 117 7.64 6.91 4.70
N ASP A 118 7.25 7.76 5.64
CA ASP A 118 8.22 8.47 6.50
C ASP A 118 9.10 7.47 7.26
N TYR A 119 8.49 6.42 7.80
CA TYR A 119 9.24 5.36 8.46
C TYR A 119 10.23 4.68 7.49
N LEU A 120 9.73 4.25 6.33
CA LEU A 120 10.56 3.55 5.36
C LEU A 120 11.67 4.45 4.83
N HIS A 121 11.31 5.69 4.48
CA HIS A 121 12.29 6.63 3.93
C HIS A 121 13.36 7.05 4.97
N SER A 122 12.99 7.09 6.24
CA SER A 122 13.94 7.33 7.33
C SER A 122 14.89 6.13 7.55
N GLU A 123 14.47 4.94 7.11
CA GLU A 123 15.25 3.71 7.23
C GLU A 123 15.93 3.35 5.91
N LYS A 124 16.10 4.35 5.05
CA LYS A 124 16.75 4.20 3.73
C LYS A 124 16.08 3.18 2.78
N LYS A 125 14.82 2.87 3.04
CA LYS A 125 14.05 1.92 2.23
C LYS A 125 13.15 2.64 1.21
N ILE A 126 12.84 1.98 0.11
CA ILE A 126 11.89 2.50 -0.88
C ILE A 126 10.85 1.43 -1.13
N HIS A 127 9.57 1.78 -1.05
CA HIS A 127 8.52 0.77 -1.23
C HIS A 127 8.45 0.27 -2.68
N ARG A 128 8.37 1.23 -3.61
CA ARG A 128 8.39 1.00 -5.06
C ARG A 128 7.10 0.44 -5.65
N ASP A 129 6.13 0.12 -4.79
CA ASP A 129 4.82 -0.30 -5.30
C ASP A 129 3.64 0.26 -4.52
N ILE A 130 3.68 1.57 -4.22
CA ILE A 130 2.57 2.25 -3.53
C ILE A 130 1.35 2.39 -4.46
N LYS A 131 0.23 1.87 -3.98
CA LYS A 131 -1.00 1.84 -4.74
C LYS A 131 -2.04 1.32 -3.73
N ALA A 132 -3.32 1.64 -3.95
CA ALA A 132 -4.39 1.27 -3.01
C ALA A 132 -4.48 -0.24 -2.67
N ALA A 133 -4.15 -1.10 -3.63
CA ALA A 133 -4.09 -2.56 -3.42
C ALA A 133 -3.05 -2.98 -2.38
N ASN A 134 -2.03 -2.14 -2.18
CA ASN A 134 -0.94 -2.42 -1.22
C ASN A 134 -1.05 -1.64 0.10
N VAL A 135 -2.23 -1.09 0.34
CA VAL A 135 -2.56 -0.40 1.57
C VAL A 135 -3.67 -1.24 2.21
N LEU A 136 -3.34 -1.87 3.33
CA LEU A 136 -4.19 -2.82 4.02
C LEU A 136 -4.67 -2.25 5.35
N LEU A 137 -5.92 -2.57 5.67
CA LEU A 137 -6.55 -2.10 6.91
C LEU A 137 -6.86 -3.26 7.84
N SER A 138 -6.64 -3.03 9.12
CA SER A 138 -7.13 -3.91 10.18
C SER A 138 -8.64 -3.73 10.33
N GLU A 139 -9.27 -4.65 11.07
CA GLU A 139 -10.71 -4.62 11.31
C GLU A 139 -11.16 -3.34 12.05
N HIS A 140 -10.23 -2.75 12.80
CA HIS A 140 -10.45 -1.53 13.56
C HIS A 140 -10.10 -0.27 12.77
N GLY A 141 -9.50 -0.44 11.59
CA GLY A 141 -9.25 0.70 10.70
C GLY A 141 -7.82 1.21 10.68
N GLU A 142 -6.91 0.51 11.36
CA GLU A 142 -5.50 0.81 11.25
C GLU A 142 -4.97 0.51 9.83
N VAL A 143 -4.23 1.48 9.28
CA VAL A 143 -3.74 1.44 7.90
C VAL A 143 -2.24 1.10 7.91
N LYS A 144 -1.88 0.04 7.17
CA LYS A 144 -0.48 -0.33 6.99
C LYS A 144 -0.14 -0.63 5.54
N LEU A 145 1.13 -0.43 5.23
CA LEU A 145 1.69 -0.75 3.92
C LEU A 145 2.04 -2.21 3.81
N ALA A 146 1.71 -2.79 2.66
CA ALA A 146 2.04 -4.17 2.36
C ALA A 146 2.80 -4.37 1.06
N ASP A 147 3.28 -5.60 0.88
CA ASP A 147 3.81 -6.13 -0.39
C ASP A 147 5.05 -5.39 -0.91
N PHE A 148 6.19 -5.67 -0.29
CA PHE A 148 7.54 -5.22 -0.74
C PHE A 148 7.63 -3.96 -1.63
N PHE A 164 13.87 -1.09 -12.84
CA PHE A 164 12.50 -1.10 -13.34
C PHE A 164 11.63 -2.08 -12.55
N VAL A 165 10.88 -1.55 -11.60
CA VAL A 165 9.94 -2.35 -10.81
C VAL A 165 8.80 -1.46 -10.31
N GLY A 166 7.62 -2.07 -10.20
CA GLY A 166 6.40 -1.38 -9.76
C GLY A 166 5.20 -1.86 -10.54
N THR A 167 4.17 -1.01 -10.60
CA THR A 167 2.97 -1.27 -11.38
C THR A 167 2.81 -0.05 -12.26
N PRO A 168 2.82 -0.23 -13.59
CA PRO A 168 3.02 0.87 -14.56
C PRO A 168 2.25 2.16 -14.28
N PHE A 169 0.92 2.05 -14.11
CA PHE A 169 0.05 3.22 -13.83
C PHE A 169 0.52 4.14 -12.67
N TRP A 170 1.17 3.54 -11.67
CA TRP A 170 1.64 4.27 -10.49
C TRP A 170 3.12 4.63 -10.48
N MET A 171 3.86 4.11 -11.47
CA MET A 171 5.32 4.29 -11.55
C MET A 171 5.70 5.71 -11.91
N ALA A 172 6.72 6.22 -11.21
CA ALA A 172 7.28 7.53 -11.49
C ALA A 172 7.98 7.56 -12.86
N PRO A 173 7.97 8.72 -13.55
CA PRO A 173 8.60 8.74 -14.88
C PRO A 173 10.08 8.31 -14.89
N GLU A 174 10.84 8.69 -13.86
CA GLU A 174 12.27 8.31 -13.71
C GLU A 174 12.47 6.79 -13.52
N VAL A 175 11.52 6.15 -12.85
CA VAL A 175 11.53 4.69 -12.69
C VAL A 175 11.31 4.01 -14.04
N ILE A 176 10.33 4.48 -14.82
CA ILE A 176 10.02 3.91 -16.13
C ILE A 176 11.21 4.02 -17.08
N LYS A 177 11.86 5.18 -17.06
CA LYS A 177 13.00 5.45 -17.93
C LYS A 177 14.24 4.67 -17.51
N GLN A 178 14.09 3.85 -16.45
CA GLN A 178 15.20 3.10 -15.82
C GLN A 178 16.35 4.02 -15.39
N SER A 179 16.01 5.29 -15.19
CA SER A 179 16.93 6.30 -14.71
C SER A 179 17.21 6.11 -13.20
N ALA A 180 18.18 6.84 -12.66
CA ALA A 180 18.46 6.83 -11.24
C ALA A 180 17.30 7.48 -10.47
N TYR A 181 16.92 6.85 -9.37
CA TYR A 181 15.86 7.38 -8.51
C TYR A 181 16.04 7.05 -7.03
N ASP A 182 15.28 7.74 -6.18
CA ASP A 182 15.28 7.40 -4.76
C ASP A 182 13.85 7.36 -4.19
N SER A 183 13.71 7.69 -2.91
CA SER A 183 12.42 7.61 -2.22
C SER A 183 11.37 8.59 -2.77
N LYS A 184 11.81 9.57 -3.57
CA LYS A 184 10.91 10.50 -4.23
C LYS A 184 10.01 9.80 -5.28
N ALA A 185 10.47 8.67 -5.83
CA ALA A 185 9.64 7.83 -6.68
C ALA A 185 8.35 7.37 -5.98
N ASP A 186 8.46 7.07 -4.67
CA ASP A 186 7.31 6.69 -3.85
C ASP A 186 6.34 7.85 -3.70
N ILE A 187 6.87 9.09 -3.68
CA ILE A 187 6.03 10.28 -3.55
C ILE A 187 5.16 10.49 -4.79
N TRP A 188 5.73 10.29 -5.97
CA TRP A 188 4.96 10.28 -7.21
C TRP A 188 3.86 9.22 -7.12
N SER A 189 4.23 8.00 -6.72
CA SER A 189 3.25 6.92 -6.53
C SER A 189 2.14 7.26 -5.52
N LEU A 190 2.51 7.96 -4.44
CA LEU A 190 1.53 8.48 -3.48
C LEU A 190 0.53 9.41 -4.14
N GLY A 191 1.00 10.32 -5.02
CA GLY A 191 0.10 11.23 -5.75
C GLY A 191 -0.87 10.49 -6.67
N ILE A 192 -0.38 9.43 -7.30
CA ILE A 192 -1.22 8.67 -8.20
C ILE A 192 -2.26 7.90 -7.34
N THR A 193 -1.81 7.41 -6.19
CA THR A 193 -2.67 6.75 -5.19
C THR A 193 -3.74 7.73 -4.63
N ALA A 194 -3.38 8.98 -4.39
CA ALA A 194 -4.36 10.01 -4.03
C ALA A 194 -5.44 10.19 -5.08
N ILE A 195 -5.06 10.19 -6.37
CA ILE A 195 -6.04 10.21 -7.47
C ILE A 195 -6.91 8.94 -7.44
N GLU A 196 -6.28 7.77 -7.29
CA GLU A 196 -7.01 6.49 -7.18
C GLU A 196 -8.04 6.50 -6.03
N LEU A 197 -7.64 6.99 -4.86
CA LEU A 197 -8.54 7.11 -3.70
C LEU A 197 -9.71 8.09 -3.93
N ALA A 198 -9.46 9.17 -4.68
CA ALA A 198 -10.49 10.18 -4.98
C ALA A 198 -11.43 9.78 -6.11
N ARG A 199 -10.88 9.16 -7.15
CA ARG A 199 -11.60 8.83 -8.37
C ARG A 199 -11.89 7.32 -8.54
N GLY A 200 -11.31 6.50 -7.68
CA GLY A 200 -11.47 5.04 -7.80
C GLY A 200 -10.49 4.30 -8.69
N GLU A 201 -9.72 5.02 -9.53
CA GLU A 201 -8.76 4.40 -10.43
C GLU A 201 -7.63 5.40 -10.77
N PRO A 202 -6.43 4.91 -11.14
CA PRO A 202 -5.32 5.83 -11.48
C PRO A 202 -5.54 6.44 -12.87
N PRO A 203 -4.80 7.53 -13.20
CA PRO A 203 -4.84 8.03 -14.60
C PRO A 203 -4.46 6.93 -15.61
N HIS A 204 -5.05 7.00 -16.81
CA HIS A 204 -4.77 6.06 -17.89
C HIS A 204 -5.31 4.63 -17.68
N SER A 205 -6.18 4.43 -16.68
CA SER A 205 -6.61 3.07 -16.31
C SER A 205 -7.26 2.25 -17.44
N GLU A 206 -7.76 2.92 -18.47
CA GLU A 206 -8.41 2.24 -19.61
C GLU A 206 -7.47 1.94 -20.80
N LEU A 207 -6.18 2.21 -20.63
CA LEU A 207 -5.20 2.05 -21.70
C LEU A 207 -4.31 0.85 -21.46
N HIS A 208 -3.86 0.21 -22.54
CA HIS A 208 -2.89 -0.87 -22.42
C HIS A 208 -1.67 -0.39 -21.64
N PRO A 209 -1.25 -1.16 -20.63
CA PRO A 209 -0.07 -0.81 -19.83
C PRO A 209 1.19 -0.44 -20.65
N MET A 210 1.37 -1.05 -21.83
CA MET A 210 2.54 -0.76 -22.67
C MET A 210 2.49 0.66 -23.27
N LYS A 211 1.28 1.12 -23.58
CA LYS A 211 1.04 2.48 -24.03
C LYS A 211 1.29 3.46 -22.89
N VAL A 212 0.80 3.11 -21.69
CA VAL A 212 1.01 3.92 -20.50
C VAL A 212 2.52 4.08 -20.20
N LEU A 213 3.31 3.06 -20.56
CA LEU A 213 4.74 3.10 -20.35
C LEU A 213 5.46 4.22 -21.11
N PHE A 214 4.96 4.59 -22.29
CA PHE A 214 5.50 5.77 -22.99
C PHE A 214 4.78 7.09 -22.63
N LEU A 215 3.48 7.03 -22.36
CA LEU A 215 2.71 8.22 -21.96
C LEU A 215 3.21 8.95 -20.74
N ILE A 216 3.58 8.20 -19.69
CA ILE A 216 3.95 8.81 -18.42
C ILE A 216 5.17 9.72 -18.55
N PRO A 217 6.31 9.21 -19.07
CA PRO A 217 7.49 10.08 -19.31
C PRO A 217 7.25 11.22 -20.30
N LYS A 218 6.40 10.99 -21.29
CA LYS A 218 6.13 11.95 -22.36
C LYS A 218 5.16 13.06 -21.96
N ASN A 219 4.05 12.68 -21.31
CA ASN A 219 2.97 13.64 -21.01
C ASN A 219 3.25 14.55 -19.84
N ASN A 220 2.53 15.67 -19.81
CA ASN A 220 2.44 16.50 -18.62
C ASN A 220 1.94 15.58 -17.49
N PRO A 221 2.35 15.86 -16.24
CA PRO A 221 1.88 14.98 -15.15
C PRO A 221 0.37 15.03 -14.94
N PRO A 222 -0.22 13.92 -14.43
CA PRO A 222 -1.66 13.98 -14.18
C PRO A 222 -2.02 15.03 -13.15
N THR A 223 -3.25 15.52 -13.23
CA THR A 223 -3.84 16.37 -12.19
C THR A 223 -5.15 15.71 -11.76
N LEU A 224 -5.59 16.03 -10.55
CA LEU A 224 -6.90 15.60 -10.05
C LEU A 224 -8.00 16.49 -10.61
N GLU A 225 -8.81 15.89 -11.48
CA GLU A 225 -9.96 16.57 -12.08
C GLU A 225 -11.28 16.15 -11.42
N GLY A 226 -12.16 17.12 -11.28
CA GLY A 226 -13.46 16.91 -10.69
C GLY A 226 -13.68 17.81 -9.51
N ASN A 227 -14.79 17.59 -8.82
CA ASN A 227 -15.19 18.45 -7.74
C ASN A 227 -14.58 18.09 -6.39
N TYR A 228 -13.31 18.47 -6.24
CA TYR A 228 -12.57 18.21 -5.01
C TYR A 228 -12.07 19.52 -4.46
N SER A 229 -11.87 19.57 -3.16
CA SER A 229 -11.31 20.75 -2.50
C SER A 229 -9.96 21.17 -3.10
N LYS A 230 -9.67 22.47 -3.03
CA LYS A 230 -8.42 22.99 -3.58
C LYS A 230 -7.21 22.31 -2.93
N PRO A 231 -7.19 22.19 -1.58
CA PRO A 231 -6.04 21.55 -0.95
C PRO A 231 -5.77 20.13 -1.45
N LEU A 232 -6.82 19.36 -1.74
CA LEU A 232 -6.64 18.03 -2.26
C LEU A 232 -5.99 18.03 -3.64
N LYS A 233 -6.52 18.83 -4.57
CA LYS A 233 -5.90 19.01 -5.87
C LYS A 233 -4.44 19.46 -5.76
N GLU A 234 -4.18 20.31 -4.78
CA GLU A 234 -2.82 20.86 -4.54
C GLU A 234 -1.87 19.82 -3.97
N PHE A 235 -2.36 19.00 -3.05
CA PHE A 235 -1.62 17.85 -2.57
C PHE A 235 -1.21 16.96 -3.73
N VAL A 236 -2.17 16.62 -4.61
CA VAL A 236 -1.86 15.76 -5.76
C VAL A 236 -0.82 16.43 -6.68
N GLU A 237 -1.04 17.68 -7.02
CA GLU A 237 -0.11 18.42 -7.89
C GLU A 237 1.33 18.41 -7.34
N ALA A 238 1.47 18.61 -6.03
CA ALA A 238 2.78 18.61 -5.37
C ALA A 238 3.51 17.26 -5.50
N CYS A 239 2.79 16.15 -5.34
CA CYS A 239 3.38 14.83 -5.50
C CYS A 239 3.78 14.57 -6.94
N LEU A 240 2.90 14.97 -7.85
CA LEU A 240 3.09 14.65 -9.25
C LEU A 240 3.88 15.76 -10.01
N ASN A 241 5.12 15.97 -9.56
CA ASN A 241 6.06 16.86 -10.28
C ASN A 241 6.99 15.96 -11.07
N LYS A 242 7.14 16.18 -12.37
CA LYS A 242 8.03 15.34 -13.18
C LYS A 242 9.49 15.39 -12.69
N GLU A 243 9.85 16.44 -11.95
CA GLU A 243 11.21 16.57 -11.41
C GLU A 243 11.19 16.08 -9.97
N PRO A 244 11.86 14.94 -9.66
CA PRO A 244 11.77 14.34 -8.31
C PRO A 244 12.21 15.24 -7.15
N SER A 245 13.25 16.07 -7.33
CA SER A 245 13.68 16.93 -6.22
C SER A 245 12.65 18.03 -5.89
N PHE A 246 11.73 18.33 -6.80
CA PHE A 246 10.66 19.29 -6.48
C PHE A 246 9.45 18.70 -5.69
N ARG A 247 9.41 17.38 -5.60
CA ARG A 247 8.36 16.69 -4.82
C ARG A 247 8.68 16.78 -3.34
N PRO A 248 7.66 17.05 -2.51
CA PRO A 248 7.98 17.12 -1.10
C PRO A 248 8.32 15.74 -0.55
N THR A 249 8.86 15.70 0.67
CA THR A 249 9.22 14.46 1.36
C THR A 249 7.96 14.00 2.12
N ALA A 250 7.92 12.75 2.56
CA ALA A 250 6.74 12.28 3.34
C ALA A 250 6.51 13.11 4.61
N LYS A 251 7.61 13.49 5.30
CA LYS A 251 7.52 14.34 6.50
C LYS A 251 6.80 15.64 6.23
N GLU A 252 7.17 16.30 5.12
CA GLU A 252 6.55 17.56 4.72
C GLU A 252 5.05 17.44 4.41
N LEU A 253 4.68 16.42 3.63
CA LEU A 253 3.28 16.15 3.28
C LEU A 253 2.37 15.83 4.48
N LEU A 254 2.94 15.30 5.56
CA LEU A 254 2.18 15.09 6.81
C LEU A 254 1.66 16.40 7.39
N LYS A 255 2.31 17.49 6.99
CA LYS A 255 1.92 18.84 7.39
C LYS A 255 1.19 19.62 6.29
N HIS A 256 0.91 18.96 5.18
CA HIS A 256 0.13 19.58 4.11
C HIS A 256 -1.26 19.98 4.61
N LYS A 257 -1.71 21.15 4.14
CA LYS A 257 -3.04 21.68 4.41
C LYS A 257 -4.15 20.64 4.26
N PHE A 258 -4.17 19.92 3.14
CA PHE A 258 -5.17 18.87 2.95
C PHE A 258 -5.17 17.81 4.07
N ILE A 259 -4.00 17.33 4.47
CA ILE A 259 -3.93 16.33 5.54
C ILE A 259 -4.47 16.94 6.87
N LEU A 260 -3.97 18.12 7.21
CA LEU A 260 -4.31 18.82 8.45
C LEU A 260 -5.78 19.21 8.60
N ARG A 261 -6.39 19.70 7.51
CA ARG A 261 -7.82 20.08 7.53
C ARG A 261 -8.74 18.86 7.56
N ASN A 262 -8.29 17.75 6.97
CA ASN A 262 -9.24 16.66 6.68
C ASN A 262 -9.05 15.33 7.44
N ALA A 263 -7.82 15.01 7.87
CA ALA A 263 -7.56 13.71 8.48
C ALA A 263 -8.15 13.61 9.89
N LYS A 264 -8.87 12.52 10.16
CA LYS A 264 -9.44 12.26 11.49
C LYS A 264 -8.97 10.91 12.04
N LYS A 265 -9.57 10.49 13.16
CA LYS A 265 -9.29 9.20 13.79
C LYS A 265 -9.38 8.03 12.80
N THR A 266 -8.41 7.11 12.87
CA THR A 266 -8.41 5.92 11.98
C THR A 266 -9.61 5.02 12.32
N SER A 267 -10.11 5.12 13.55
CA SER A 267 -11.26 4.32 13.99
C SER A 267 -12.54 4.64 13.22
N TYR A 268 -12.67 5.87 12.71
CA TYR A 268 -13.76 6.21 11.80
C TYR A 268 -13.81 5.39 10.51
N LEU A 269 -12.66 4.85 10.10
CA LEU A 269 -12.57 3.97 8.91
C LEU A 269 -13.33 2.65 8.98
N THR A 270 -13.72 2.25 10.19
CA THR A 270 -14.64 1.12 10.41
C THR A 270 -15.92 1.25 9.58
N GLU A 271 -16.40 2.48 9.41
CA GLU A 271 -17.56 2.73 8.56
C GLU A 271 -17.33 2.24 7.13
N LEU A 272 -16.12 2.48 6.61
CA LEU A 272 -15.77 2.01 5.26
C LEU A 272 -15.65 0.49 5.19
N ILE A 273 -15.04 -0.08 6.23
CA ILE A 273 -14.94 -1.52 6.37
C ILE A 273 -16.33 -2.16 6.35
N ASP A 274 -17.28 -1.59 7.10
CA ASP A 274 -18.67 -2.09 7.18
C ASP A 274 -19.35 -1.96 5.84
N ARG A 275 -19.15 -0.82 5.18
CA ARG A 275 -19.72 -0.58 3.86
C ARG A 275 -19.31 -1.68 2.91
N TYR A 276 -18.03 -2.06 2.93
CA TYR A 276 -17.54 -3.09 2.04
C TYR A 276 -18.15 -4.46 2.36
N LYS A 277 -18.16 -4.84 3.63
CA LYS A 277 -18.77 -6.12 4.06
C LYS A 277 -20.24 -6.27 3.62
N ARG A 278 -21.02 -5.21 3.83
CA ARG A 278 -22.42 -5.17 3.34
C ARG A 278 -22.52 -5.29 1.84
N TRP A 279 -21.68 -4.51 1.13
CA TRP A 279 -21.62 -4.56 -0.32
C TRP A 279 -21.26 -5.94 -0.82
N LYS A 280 -20.21 -6.53 -0.24
CA LYS A 280 -19.72 -7.85 -0.64
C LYS A 280 -20.75 -8.96 -0.40
N ALA A 281 -21.61 -8.77 0.60
CA ALA A 281 -22.62 -9.79 0.93
C ALA A 281 -23.75 -9.79 -0.11
N GLU A 282 -24.14 -8.60 -0.58
CA GLU A 282 -25.17 -8.43 -1.61
C GLU A 282 -24.67 -8.82 -3.01
N GLN A 283 -23.42 -9.27 -3.07
CA GLN A 283 -22.72 -9.69 -4.31
C GLN A 283 -21.97 -8.52 -4.96
#